data_6B0R
#
_entry.id   6B0R
#
_cell.length_a   153.940
_cell.length_b   35.113
_cell.length_c   87.148
_cell.angle_alpha   90.00
_cell.angle_beta   110.03
_cell.angle_gamma   90.00
#
_symmetry.space_group_name_H-M   'C 1 2 1'
#
loop_
_entity.id
_entity.type
_entity.pdbx_description
1 polymer 'Wilms tumor protein'
2 polymer "DNA (5'-D(*AP*GP*CP*GP*TP*GP*GP*GP*AP*GP*GP*GP*TP*TP*A)-3')"
3 polymer "DNA (5'-D(P*TP*AP*AP*CP*CP*CP*TP*CP*CP*CP*AP*CP*GP*C)-3')"
4 non-polymer 'ZINC ION'
5 non-polymer 1,2-ETHANEDIOL
6 water water
#
loop_
_entity_poly.entity_id
_entity_poly.type
_entity_poly.pdbx_seq_one_letter_code
_entity_poly.pdbx_strand_id
1 'polypeptide(L)'
;HMRPFMCAYPGCNKRYFKLSHLQRHSRKHTGEKPYQCDFKDCERRFSRSDQLKRHQRRHTGVKPFQCKTCQRKFSRSDHL
KTHTRTHTGEKPFSCRWPSCQKKFARSDELVRHHNMHQR
;
D,A
2 'polydeoxyribonucleotide' (DA)(DG)(DC)(DG)(DT)(DG)(DG)(DG)(DA)(DG)(DG)(DG)(DT)(DT)(DA) E,B
3 'polydeoxyribonucleotide' (DT)(DT)(DA)(DA)(DC)(DC)(DC)(DT)(DC)(DC)(DC)(DA)(DC)(DG)(DC) F,C
#
# COMPACT_ATOMS: atom_id res chain seq x y z
N MET A 2 15.92 -32.01 -11.72
CA MET A 2 16.08 -30.59 -11.45
C MET A 2 14.76 -29.83 -11.64
N ARG A 3 14.44 -29.51 -12.89
CA ARG A 3 13.23 -28.76 -13.22
C ARG A 3 12.23 -29.66 -13.93
N PRO A 4 11.22 -30.18 -13.23
CA PRO A 4 10.30 -31.14 -13.86
C PRO A 4 9.22 -30.50 -14.72
N PHE A 5 9.03 -29.19 -14.65
CA PHE A 5 7.99 -28.50 -15.39
C PHE A 5 8.62 -27.78 -16.58
N MET A 6 8.42 -28.34 -17.78
CA MET A 6 9.03 -27.83 -18.99
C MET A 6 7.96 -27.20 -19.88
N CYS A 7 8.30 -26.09 -20.52
CA CYS A 7 7.37 -25.42 -21.41
C CYS A 7 7.18 -26.24 -22.68
N ALA A 8 5.93 -26.38 -23.11
CA ALA A 8 5.59 -27.18 -24.28
C ALA A 8 5.54 -26.37 -25.56
N TYR A 9 5.84 -25.07 -25.51
CA TYR A 9 5.81 -24.26 -26.72
C TYR A 9 6.95 -24.69 -27.65
N PRO A 10 6.71 -24.84 -28.95
CA PRO A 10 7.76 -25.34 -29.84
C PRO A 10 8.94 -24.38 -29.90
N GLY A 11 10.11 -24.89 -29.52
CA GLY A 11 11.35 -24.14 -29.59
C GLY A 11 11.73 -23.40 -28.33
N CYS A 12 10.85 -23.35 -27.33
CA CYS A 12 11.16 -22.61 -26.11
C CYS A 12 12.16 -23.36 -25.23
N ASN A 13 11.80 -24.59 -24.83
CA ASN A 13 12.68 -25.48 -24.07
C ASN A 13 13.04 -24.90 -22.70
N LYS A 14 12.17 -24.05 -22.15
CA LYS A 14 12.38 -23.50 -20.82
C LYS A 14 11.80 -24.45 -19.77
N ARG A 15 12.50 -24.59 -18.66
CA ARG A 15 12.13 -25.51 -17.59
C ARG A 15 12.05 -24.75 -16.28
N TYR A 16 11.17 -25.21 -15.38
CA TYR A 16 10.94 -24.54 -14.11
C TYR A 16 10.79 -25.57 -13.00
N PHE A 17 10.97 -25.10 -11.77
CA PHE A 17 10.85 -25.98 -10.61
C PHE A 17 9.39 -26.16 -10.17
N LYS A 18 8.60 -25.09 -10.25
CA LYS A 18 7.21 -25.11 -9.82
C LYS A 18 6.28 -24.94 -11.00
N LEU A 19 5.09 -25.54 -10.90
CA LEU A 19 4.10 -25.37 -11.94
C LEU A 19 3.61 -23.93 -12.03
N SER A 20 3.53 -23.24 -10.88
CA SER A 20 3.13 -21.85 -10.89
C SER A 20 4.13 -20.98 -11.65
N HIS A 21 5.41 -21.34 -11.62
CA HIS A 21 6.40 -20.61 -12.40
C HIS A 21 6.20 -20.86 -13.90
N LEU A 22 5.81 -22.07 -14.28
CA LEU A 22 5.60 -22.38 -15.69
C LEU A 22 4.34 -21.71 -16.22
N GLN A 23 3.24 -21.81 -15.47
CA GLN A 23 2.01 -21.15 -15.88
C GLN A 23 2.18 -19.64 -15.95
N ARG A 24 3.04 -19.08 -15.10
CA ARG A 24 3.35 -17.66 -15.17
C ARG A 24 4.13 -17.34 -16.45
N HIS A 25 5.03 -18.24 -16.86
CA HIS A 25 5.78 -18.03 -18.09
C HIS A 25 4.92 -18.23 -19.33
N SER A 26 3.90 -19.09 -19.23
CA SER A 26 3.11 -19.45 -20.41
C SER A 26 2.43 -18.25 -21.04
N ARG A 27 2.14 -17.21 -20.24
CA ARG A 27 1.51 -16.02 -20.78
C ARG A 27 2.43 -15.20 -21.68
N LYS A 28 3.74 -15.52 -21.69
CA LYS A 28 4.64 -14.85 -22.61
C LYS A 28 4.35 -15.24 -24.06
N HIS A 29 4.01 -16.51 -24.29
CA HIS A 29 3.69 -16.96 -25.64
C HIS A 29 2.27 -16.56 -26.03
N THR A 30 1.32 -16.70 -25.12
CA THR A 30 -0.07 -16.34 -25.44
C THR A 30 -0.25 -14.83 -25.55
N GLY A 31 0.56 -14.06 -24.83
CA GLY A 31 0.47 -12.62 -24.88
C GLY A 31 -0.65 -12.02 -24.07
N GLU A 32 -1.34 -12.81 -23.25
CA GLU A 32 -2.45 -12.28 -22.46
C GLU A 32 -1.93 -11.41 -21.32
N LYS A 33 -2.55 -10.24 -21.15
CA LYS A 33 -2.21 -9.32 -20.06
C LYS A 33 -3.52 -8.81 -19.47
N PRO A 34 -4.19 -9.63 -18.65
CA PRO A 34 -5.51 -9.24 -18.12
C PRO A 34 -5.45 -8.19 -17.03
N TYR A 35 -4.28 -7.94 -16.43
CA TYR A 35 -4.16 -6.98 -15.33
C TYR A 35 -3.78 -5.62 -15.92
N GLN A 36 -4.81 -4.89 -16.35
CA GLN A 36 -4.59 -3.56 -16.89
C GLN A 36 -4.54 -2.54 -15.76
N CYS A 37 -3.88 -1.42 -16.03
CA CYS A 37 -3.86 -0.30 -15.08
C CYS A 37 -4.96 0.68 -15.45
N ASP A 38 -5.92 0.83 -14.55
CA ASP A 38 -7.08 1.68 -14.80
C ASP A 38 -6.90 3.11 -14.34
N PHE A 39 -5.68 3.50 -13.96
CA PHE A 39 -5.40 4.91 -13.70
C PHE A 39 -5.39 5.69 -15.01
N LYS A 40 -5.79 6.96 -14.93
CA LYS A 40 -5.84 7.79 -16.12
C LYS A 40 -4.45 8.08 -16.65
N ASP A 41 -4.35 8.31 -17.95
CA ASP A 41 -3.10 8.60 -18.63
C ASP A 41 -2.09 7.45 -18.42
N CYS A 42 -2.56 6.23 -18.63
CA CYS A 42 -1.69 5.06 -18.52
C CYS A 42 -2.32 3.91 -19.29
N GLU A 43 -1.50 3.21 -20.09
CA GLU A 43 -1.95 2.06 -20.86
C GLU A 43 -1.15 0.82 -20.53
N ARG A 44 -0.52 0.78 -19.37
CA ARG A 44 0.30 -0.37 -18.98
C ARG A 44 -0.57 -1.58 -18.70
N ARG A 45 -0.12 -2.74 -19.18
CA ARG A 45 -0.78 -4.01 -18.93
C ARG A 45 0.26 -5.02 -18.46
N PHE A 46 -0.18 -5.93 -17.60
CA PHE A 46 0.71 -6.93 -17.03
C PHE A 46 0.02 -8.28 -17.01
N SER A 47 0.80 -9.34 -17.18
CA SER A 47 0.29 -10.70 -17.05
C SER A 47 0.27 -11.18 -15.62
N ARG A 48 0.82 -10.41 -14.68
CA ARG A 48 0.94 -10.78 -13.28
C ARG A 48 0.33 -9.69 -12.41
N SER A 49 -0.39 -10.10 -11.36
CA SER A 49 -1.02 -9.13 -10.48
C SER A 49 -0.01 -8.39 -9.62
N ASP A 50 1.08 -9.07 -9.22
CA ASP A 50 2.08 -8.43 -8.37
C ASP A 50 2.83 -7.33 -9.12
N GLN A 51 3.06 -7.50 -10.42
CA GLN A 51 3.71 -6.47 -11.19
C GLN A 51 2.82 -5.25 -11.39
N LEU A 52 1.50 -5.45 -11.47
CA LEU A 52 0.58 -4.33 -11.61
C LEU A 52 0.56 -3.48 -10.34
N LYS A 53 0.45 -4.13 -9.19
CA LYS A 53 0.40 -3.38 -7.93
C LYS A 53 1.72 -2.70 -7.63
N ARG A 54 2.84 -3.32 -8.02
CA ARG A 54 4.12 -2.63 -7.91
C ARG A 54 4.16 -1.41 -8.82
N HIS A 55 3.62 -1.53 -10.03
CA HIS A 55 3.57 -0.41 -10.94
C HIS A 55 2.64 0.69 -10.42
N GLN A 56 1.51 0.31 -9.82
CA GLN A 56 0.54 1.30 -9.37
C GLN A 56 1.03 2.13 -8.19
N ARG A 57 2.14 1.74 -7.56
CA ARG A 57 2.77 2.60 -6.57
C ARG A 57 3.26 3.90 -7.18
N ARG A 58 3.52 3.91 -8.48
CA ARG A 58 3.89 5.16 -9.16
C ARG A 58 2.72 6.14 -9.15
N HIS A 59 1.49 5.64 -9.28
CA HIS A 59 0.33 6.52 -9.30
C HIS A 59 -0.07 6.96 -7.90
N THR A 60 0.05 6.05 -6.93
CA THR A 60 -0.36 6.34 -5.56
C THR A 60 0.71 7.04 -4.74
N GLY A 61 1.97 6.94 -5.14
CA GLY A 61 3.05 7.55 -4.40
C GLY A 61 3.40 6.86 -3.09
N VAL A 62 2.92 5.64 -2.87
CA VAL A 62 3.17 4.93 -1.62
C VAL A 62 4.59 4.38 -1.64
N LYS A 63 5.33 4.60 -0.55
CA LYS A 63 6.68 4.07 -0.36
C LYS A 63 6.69 3.26 0.92
N PRO A 64 6.38 1.96 0.86
CA PRO A 64 6.19 1.18 2.09
C PRO A 64 7.47 0.80 2.81
N PHE A 65 8.64 0.95 2.19
CA PHE A 65 9.89 0.46 2.73
C PHE A 65 10.77 1.65 3.14
N GLN A 66 11.08 1.72 4.44
CA GLN A 66 11.80 2.86 5.00
C GLN A 66 13.16 2.42 5.52
N CYS A 67 14.18 3.23 5.27
CA CYS A 67 15.51 2.98 5.77
C CYS A 67 15.59 3.31 7.26
N LYS A 68 16.02 2.35 8.06
CA LYS A 68 16.10 2.55 9.50
C LYS A 68 17.24 3.46 9.93
N THR A 69 18.04 3.96 8.99
CA THR A 69 19.18 4.83 9.30
C THR A 69 18.88 6.30 9.01
N CYS A 70 18.42 6.61 7.80
CA CYS A 70 18.13 7.99 7.41
C CYS A 70 16.64 8.26 7.25
N GLN A 71 15.78 7.30 7.55
CA GLN A 71 14.33 7.42 7.54
C GLN A 71 13.77 7.70 6.15
N ARG A 72 14.57 7.55 5.10
CA ARG A 72 14.07 7.73 3.74
C ARG A 72 13.24 6.52 3.33
N LYS A 73 12.13 6.79 2.63
CA LYS A 73 11.21 5.75 2.19
C LYS A 73 11.41 5.44 0.72
N PHE A 74 11.13 4.19 0.35
CA PHE A 74 11.35 3.71 -1.00
C PHE A 74 10.14 2.89 -1.47
N SER A 75 9.88 2.95 -2.77
CA SER A 75 8.73 2.27 -3.35
C SER A 75 8.92 0.76 -3.47
N ARG A 76 10.18 0.29 -3.49
CA ARG A 76 10.46 -1.12 -3.72
C ARG A 76 11.50 -1.62 -2.74
N SER A 77 11.31 -2.85 -2.27
CA SER A 77 12.17 -3.39 -1.23
C SER A 77 13.57 -3.71 -1.76
N ASP A 78 13.68 -4.13 -3.01
CA ASP A 78 15.00 -4.43 -3.56
C ASP A 78 15.83 -3.16 -3.71
N HIS A 79 15.19 -2.00 -3.87
CA HIS A 79 15.93 -0.76 -3.95
C HIS A 79 16.33 -0.24 -2.58
N LEU A 80 15.57 -0.59 -1.53
CA LEU A 80 16.00 -0.27 -0.18
C LEU A 80 17.23 -1.07 0.22
N LYS A 81 17.34 -2.32 -0.27
CA LYS A 81 18.48 -3.15 0.07
C LYS A 81 19.78 -2.55 -0.47
N THR A 82 19.77 -2.08 -1.71
CA THR A 82 20.97 -1.48 -2.27
C THR A 82 21.23 -0.09 -1.71
N HIS A 83 20.20 0.60 -1.25
CA HIS A 83 20.39 1.89 -0.60
C HIS A 83 21.10 1.74 0.73
N THR A 84 20.83 0.64 1.46
CA THR A 84 21.45 0.44 2.77
C THR A 84 22.96 0.35 2.65
N ARG A 85 23.48 -0.11 1.51
CA ARG A 85 24.91 -0.19 1.33
C ARG A 85 25.57 1.18 1.25
N THR A 86 24.80 2.24 0.98
CA THR A 86 25.36 3.59 1.02
C THR A 86 25.73 4.00 2.44
N HIS A 87 25.06 3.42 3.44
CA HIS A 87 25.39 3.70 4.83
C HIS A 87 26.43 2.73 5.38
N THR A 88 26.31 1.45 5.05
CA THR A 88 27.24 0.45 5.56
C THR A 88 28.56 0.42 4.79
N GLY A 89 28.57 0.92 3.56
CA GLY A 89 29.77 0.86 2.74
C GLY A 89 30.09 -0.50 2.17
N GLU A 90 29.13 -1.43 2.20
CA GLU A 90 29.37 -2.78 1.68
C GLU A 90 29.44 -2.75 0.16
N LYS A 91 30.46 -3.41 -0.40
CA LYS A 91 30.65 -3.52 -1.85
C LYS A 91 30.97 -4.97 -2.17
N PRO A 92 29.94 -5.82 -2.31
CA PRO A 92 30.18 -7.27 -2.47
C PRO A 92 30.64 -7.67 -3.86
N PHE A 93 30.65 -6.77 -4.83
CA PHE A 93 30.96 -7.10 -6.23
C PHE A 93 32.32 -6.50 -6.58
N SER A 94 33.34 -7.36 -6.64
CA SER A 94 34.70 -6.94 -6.92
C SER A 94 35.04 -7.19 -8.38
N CYS A 95 35.81 -6.28 -8.98
CA CYS A 95 36.25 -6.44 -10.35
C CYS A 95 37.38 -7.46 -10.41
N ARG A 96 37.26 -8.42 -11.33
CA ARG A 96 38.25 -9.47 -11.50
C ARG A 96 39.19 -9.21 -12.67
N TRP A 97 39.17 -8.00 -13.22
CA TRP A 97 40.12 -7.65 -14.26
C TRP A 97 41.54 -7.67 -13.69
N PRO A 98 42.53 -8.08 -14.47
CA PRO A 98 43.92 -8.09 -13.96
C PRO A 98 44.33 -6.72 -13.44
N SER A 99 45.00 -6.72 -12.28
CA SER A 99 45.56 -5.55 -11.62
C SER A 99 44.50 -4.68 -10.96
N CYS A 100 43.23 -4.86 -11.32
CA CYS A 100 42.18 -4.00 -10.79
C CYS A 100 41.73 -4.46 -9.40
N GLN A 101 41.37 -3.48 -8.56
CA GLN A 101 40.96 -3.75 -7.19
C GLN A 101 39.67 -3.05 -6.82
N LYS A 102 38.97 -2.44 -7.78
CA LYS A 102 37.76 -1.70 -7.45
C LYS A 102 36.61 -2.64 -7.12
N LYS A 103 35.80 -2.24 -6.16
CA LYS A 103 34.61 -2.97 -5.74
C LYS A 103 33.39 -2.07 -5.88
N PHE A 104 32.21 -2.69 -5.94
CA PHE A 104 30.98 -1.96 -6.17
C PHE A 104 29.85 -2.53 -5.33
N ALA A 105 28.89 -1.67 -4.99
CA ALA A 105 27.75 -2.09 -4.18
C ALA A 105 26.65 -2.73 -4.99
N ARG A 106 26.64 -2.55 -6.31
CA ARG A 106 25.64 -3.14 -7.19
C ARG A 106 26.32 -3.85 -8.35
N SER A 107 25.62 -4.84 -8.91
CA SER A 107 26.18 -5.61 -10.00
C SER A 107 26.24 -4.80 -11.29
N ASP A 108 25.23 -3.95 -11.53
CA ASP A 108 25.23 -3.16 -12.75
C ASP A 108 26.34 -2.12 -12.75
N GLU A 109 26.79 -1.70 -11.57
CA GLU A 109 27.96 -0.82 -11.50
C GLU A 109 29.22 -1.56 -11.93
N LEU A 110 29.32 -2.85 -11.58
CA LEU A 110 30.47 -3.65 -12.01
C LEU A 110 30.42 -3.92 -13.51
N VAL A 111 29.23 -4.16 -14.05
CA VAL A 111 29.09 -4.38 -15.49
C VAL A 111 29.48 -3.13 -16.26
N ARG A 112 29.07 -1.96 -15.77
CA ARG A 112 29.43 -0.71 -16.44
C ARG A 112 30.92 -0.44 -16.32
N HIS A 113 31.53 -0.80 -15.18
CA HIS A 113 32.97 -0.65 -15.04
C HIS A 113 33.71 -1.66 -15.90
N HIS A 114 33.17 -2.87 -16.03
CA HIS A 114 33.81 -3.88 -16.87
C HIS A 114 33.81 -3.47 -18.34
N ASN A 115 32.73 -2.83 -18.79
CA ASN A 115 32.67 -2.33 -20.16
C ASN A 115 33.63 -1.17 -20.38
N MET A 116 34.04 -0.47 -19.32
CA MET A 116 35.03 0.60 -19.44
C MET A 116 36.44 0.06 -19.61
N HIS A 117 36.71 -1.15 -19.12
CA HIS A 117 38.03 -1.76 -19.33
C HIS A 117 38.28 -2.06 -20.80
N GLN A 118 37.41 -2.86 -21.40
CA GLN A 118 37.54 -3.22 -22.80
C GLN A 118 36.82 -2.22 -23.70
N HIS D 1 -12.52 21.42 27.20
CA HIS D 1 -12.15 22.18 28.38
C HIS D 1 -10.76 22.78 28.21
N MET D 2 -9.78 21.94 27.92
CA MET D 2 -8.39 22.37 27.74
C MET D 2 -8.01 22.42 26.27
N ARG D 3 -8.80 23.13 25.46
CA ARG D 3 -8.57 23.29 24.04
C ARG D 3 -8.19 24.73 23.74
N PRO D 4 -6.90 25.09 23.81
CA PRO D 4 -6.51 26.49 23.62
C PRO D 4 -6.49 26.94 22.17
N PHE D 5 -6.42 26.02 21.21
CA PHE D 5 -6.33 26.39 19.80
C PHE D 5 -7.74 26.47 19.23
N MET D 6 -8.23 27.70 19.07
CA MET D 6 -9.59 27.94 18.63
C MET D 6 -9.60 28.44 17.19
N CYS D 7 -10.64 28.06 16.44
CA CYS D 7 -10.78 28.49 15.07
C CYS D 7 -11.26 29.93 15.02
N ALA D 8 -10.62 30.74 14.19
CA ALA D 8 -10.93 32.16 14.07
C ALA D 8 -11.93 32.46 12.96
N TYR D 9 -12.48 31.43 12.31
CA TYR D 9 -13.49 31.66 11.29
C TYR D 9 -14.78 32.13 11.94
N PRO D 10 -15.44 33.15 11.38
CA PRO D 10 -16.67 33.67 12.00
C PRO D 10 -17.79 32.64 11.97
N GLY D 11 -18.39 32.39 13.13
CA GLY D 11 -19.45 31.42 13.27
C GLY D 11 -19.00 30.03 13.66
N CYS D 12 -17.71 29.71 13.49
CA CYS D 12 -17.19 28.40 13.84
C CYS D 12 -16.61 28.42 15.24
N ASN D 13 -17.05 27.47 16.08
CA ASN D 13 -16.61 27.37 17.46
C ASN D 13 -15.75 26.14 17.71
N LYS D 14 -15.10 25.61 16.66
CA LYS D 14 -14.25 24.44 16.83
C LYS D 14 -12.99 24.80 17.60
N ARG D 15 -12.62 23.92 18.53
CA ARG D 15 -11.42 24.10 19.35
C ARG D 15 -10.66 22.78 19.41
N TYR D 16 -9.34 22.87 19.47
CA TYR D 16 -8.49 21.69 19.38
C TYR D 16 -7.38 21.77 20.42
N PHE D 17 -6.80 20.60 20.72
CA PHE D 17 -5.72 20.53 21.69
C PHE D 17 -4.37 20.92 21.11
N LYS D 18 -4.15 20.67 19.82
CA LYS D 18 -2.88 20.95 19.18
C LYS D 18 -3.08 21.86 17.98
N LEU D 19 -2.04 22.64 17.66
CA LEU D 19 -2.12 23.57 16.55
C LEU D 19 -2.27 22.83 15.22
N SER D 20 -1.69 21.65 15.10
CA SER D 20 -1.79 20.90 13.84
C SER D 20 -3.23 20.49 13.57
N HIS D 21 -3.99 20.16 14.62
CA HIS D 21 -5.39 19.80 14.43
C HIS D 21 -6.20 21.00 13.93
N LEU D 22 -5.92 22.19 14.45
CA LEU D 22 -6.62 23.39 13.99
C LEU D 22 -6.26 23.72 12.56
N GLN D 23 -4.97 23.68 12.23
CA GLN D 23 -4.54 23.98 10.87
C GLN D 23 -5.09 22.98 9.88
N ARG D 24 -5.24 21.71 10.28
CA ARG D 24 -5.90 20.73 9.43
C ARG D 24 -7.39 21.05 9.26
N HIS D 25 -8.01 21.59 10.30
CA HIS D 25 -9.42 21.93 10.22
C HIS D 25 -9.63 23.18 9.39
N SER D 26 -8.64 24.06 9.38
CA SER D 26 -8.72 25.33 8.63
C SER D 26 -9.02 25.20 7.14
N ARG D 27 -8.57 24.12 6.49
CA ARG D 27 -8.84 23.89 5.07
C ARG D 27 -10.34 23.73 4.77
N LYS D 28 -11.10 23.19 5.72
CA LYS D 28 -12.54 23.04 5.56
C LYS D 28 -13.16 24.39 5.19
N HIS D 29 -12.65 25.48 5.74
CA HIS D 29 -13.22 26.77 5.41
C HIS D 29 -12.67 27.30 4.09
N THR D 30 -11.37 27.11 3.84
CA THR D 30 -10.78 27.58 2.59
C THR D 30 -11.17 26.71 1.40
N GLY D 31 -11.59 25.46 1.64
CA GLY D 31 -12.01 24.60 0.56
C GLY D 31 -10.89 24.10 -0.33
N GLU D 32 -9.65 24.18 0.14
CA GLU D 32 -8.49 23.75 -0.65
C GLU D 32 -8.36 22.23 -0.57
N LYS D 33 -8.43 21.56 -1.72
CA LYS D 33 -8.31 20.10 -1.82
C LYS D 33 -7.31 19.79 -2.93
N PRO D 34 -6.01 19.87 -2.64
CA PRO D 34 -5.00 19.63 -3.68
C PRO D 34 -4.75 18.16 -3.99
N TYR D 35 -5.35 17.24 -3.23
CA TYR D 35 -5.13 15.81 -3.41
C TYR D 35 -6.33 15.23 -4.14
N GLN D 36 -6.16 14.98 -5.45
CA GLN D 36 -7.23 14.48 -6.30
C GLN D 36 -6.87 13.10 -6.83
N CYS D 37 -7.86 12.21 -6.85
CA CYS D 37 -7.68 10.86 -7.36
C CYS D 37 -7.87 10.85 -8.88
N ASP D 38 -6.96 10.18 -9.58
CA ASP D 38 -6.98 10.12 -11.05
C ASP D 38 -7.26 8.71 -11.55
N PHE D 39 -8.06 7.94 -10.82
CA PHE D 39 -8.45 6.61 -11.24
C PHE D 39 -9.61 6.68 -12.24
N LYS D 40 -9.92 5.53 -12.84
CA LYS D 40 -11.00 5.47 -13.82
C LYS D 40 -12.34 5.84 -13.17
N ASP D 41 -13.02 6.80 -13.78
CA ASP D 41 -14.38 7.19 -13.37
C ASP D 41 -14.41 7.60 -11.90
N CYS D 42 -13.40 8.35 -11.47
CA CYS D 42 -13.32 8.84 -10.10
C CYS D 42 -12.82 10.27 -10.10
N GLU D 43 -13.51 11.14 -9.36
CA GLU D 43 -13.14 12.54 -9.23
C GLU D 43 -13.05 12.95 -7.76
N ARG D 44 -12.75 12.00 -6.89
CA ARG D 44 -12.65 12.27 -5.46
C ARG D 44 -11.47 13.19 -5.18
N ARG D 45 -11.71 14.20 -4.32
CA ARG D 45 -10.68 15.14 -3.91
C ARG D 45 -10.69 15.27 -2.40
N PHE D 46 -9.50 15.42 -1.82
CA PHE D 46 -9.35 15.48 -0.38
C PHE D 46 -8.42 16.63 -0.01
N SER D 47 -8.66 17.21 1.17
CA SER D 47 -7.77 18.22 1.72
C SER D 47 -6.62 17.61 2.51
N ARG D 48 -6.61 16.29 2.68
CA ARG D 48 -5.60 15.60 3.46
C ARG D 48 -5.00 14.48 2.63
N SER D 49 -3.68 14.32 2.72
CA SER D 49 -3.00 13.29 1.93
C SER D 49 -3.31 11.89 2.45
N ASP D 50 -3.50 11.74 3.76
CA ASP D 50 -3.76 10.42 4.32
C ASP D 50 -5.13 9.89 3.89
N GLN D 51 -6.10 10.79 3.68
CA GLN D 51 -7.42 10.35 3.22
C GLN D 51 -7.39 9.93 1.76
N LEU D 52 -6.57 10.58 0.93
CA LEU D 52 -6.43 10.13 -0.45
C LEU D 52 -5.77 8.76 -0.52
N LYS D 53 -4.75 8.52 0.31
CA LYS D 53 -4.08 7.23 0.32
C LYS D 53 -5.03 6.13 0.75
N ARG D 54 -5.87 6.41 1.76
CA ARG D 54 -6.85 5.42 2.19
C ARG D 54 -7.90 5.17 1.12
N HIS D 55 -8.33 6.23 0.43
CA HIS D 55 -9.33 6.08 -0.61
C HIS D 55 -8.81 5.23 -1.77
N GLN D 56 -7.57 5.48 -2.19
CA GLN D 56 -7.02 4.80 -3.36
C GLN D 56 -6.77 3.31 -3.13
N ARG D 57 -6.79 2.84 -1.87
CA ARG D 57 -6.67 1.41 -1.64
C ARG D 57 -7.90 0.66 -2.12
N ARG D 58 -9.02 1.34 -2.33
CA ARG D 58 -10.18 0.69 -2.93
C ARG D 58 -9.92 0.36 -4.39
N HIS D 59 -9.20 1.25 -5.09
CA HIS D 59 -8.89 1.02 -6.51
C HIS D 59 -7.80 -0.02 -6.68
N THR D 60 -6.71 0.11 -5.91
CA THR D 60 -5.56 -0.77 -6.08
C THR D 60 -5.77 -2.15 -5.48
N GLY D 61 -6.71 -2.30 -4.54
CA GLY D 61 -6.93 -3.58 -3.90
C GLY D 61 -5.91 -3.95 -2.84
N VAL D 62 -5.09 -2.99 -2.39
CA VAL D 62 -4.09 -3.28 -1.38
C VAL D 62 -4.76 -3.41 -0.02
N LYS D 63 -4.43 -4.46 0.71
CA LYS D 63 -4.98 -4.73 2.05
C LYS D 63 -3.82 -5.02 2.97
N PRO D 64 -3.22 -3.98 3.57
CA PRO D 64 -1.99 -4.18 4.36
C PRO D 64 -2.20 -4.82 5.73
N PHE D 65 -3.43 -4.86 6.24
CA PHE D 65 -3.71 -5.33 7.59
C PHE D 65 -4.34 -6.72 7.53
N GLN D 66 -3.76 -7.66 8.28
CA GLN D 66 -4.16 -9.05 8.22
C GLN D 66 -4.59 -9.53 9.61
N CYS D 67 -5.60 -10.40 9.64
CA CYS D 67 -6.08 -10.99 10.88
C CYS D 67 -5.27 -12.25 11.18
N LYS D 68 -4.86 -12.40 12.44
CA LYS D 68 -4.07 -13.56 12.82
C LYS D 68 -4.93 -14.80 13.03
N THR D 69 -6.22 -14.62 13.32
CA THR D 69 -7.09 -15.77 13.61
C THR D 69 -7.64 -16.40 12.33
N CYS D 70 -8.06 -15.58 11.37
CA CYS D 70 -8.67 -16.09 10.15
C CYS D 70 -7.84 -15.88 8.88
N GLN D 71 -6.73 -15.16 8.97
CA GLN D 71 -5.84 -14.91 7.82
C GLN D 71 -6.57 -14.21 6.68
N ARG D 72 -7.40 -13.23 7.02
CA ARG D 72 -8.05 -12.38 6.02
C ARG D 72 -7.46 -10.98 6.10
N LYS D 73 -7.24 -10.38 4.94
CA LYS D 73 -6.62 -9.06 4.85
C LYS D 73 -7.66 -7.98 4.65
N PHE D 74 -7.39 -6.80 5.21
CA PHE D 74 -8.30 -5.67 5.16
C PHE D 74 -7.55 -4.42 4.76
N SER D 75 -8.27 -3.48 4.16
CA SER D 75 -7.67 -2.24 3.68
C SER D 75 -7.41 -1.24 4.79
N ARG D 76 -8.12 -1.35 5.91
CA ARG D 76 -8.04 -0.38 7.00
C ARG D 76 -7.86 -1.08 8.33
N SER D 77 -7.08 -0.47 9.22
CA SER D 77 -6.78 -1.10 10.51
C SER D 77 -7.99 -1.07 11.44
N ASP D 78 -8.76 0.02 11.40
CA ASP D 78 -9.94 0.10 12.28
C ASP D 78 -11.01 -0.92 11.87
N HIS D 79 -11.07 -1.28 10.60
CA HIS D 79 -12.00 -2.33 10.18
C HIS D 79 -11.48 -3.70 10.58
N LEU D 80 -10.16 -3.86 10.68
CA LEU D 80 -9.60 -5.12 11.17
C LEU D 80 -9.89 -5.30 12.66
N LYS D 81 -9.82 -4.21 13.43
CA LYS D 81 -10.08 -4.30 14.87
C LYS D 81 -11.50 -4.74 15.15
N THR D 82 -12.48 -4.15 14.45
CA THR D 82 -13.86 -4.55 14.62
C THR D 82 -14.12 -5.95 14.06
N HIS D 83 -13.31 -6.40 13.09
CA HIS D 83 -13.45 -7.76 12.58
C HIS D 83 -13.03 -8.79 13.62
N THR D 84 -12.03 -8.47 14.45
CA THR D 84 -11.55 -9.42 15.44
C THR D 84 -12.60 -9.75 16.48
N ARG D 85 -13.59 -8.88 16.67
CA ARG D 85 -14.61 -9.12 17.68
C ARG D 85 -15.59 -10.21 17.26
N THR D 86 -15.70 -10.51 15.96
CA THR D 86 -16.57 -11.60 15.54
C THR D 86 -15.97 -12.95 15.89
N HIS D 87 -14.66 -13.02 16.13
CA HIS D 87 -13.99 -14.21 16.62
C HIS D 87 -14.05 -14.30 18.13
N THR D 88 -13.87 -13.17 18.82
CA THR D 88 -13.95 -13.14 20.28
C THR D 88 -15.38 -13.14 20.78
N GLY D 89 -16.35 -12.76 19.95
CA GLY D 89 -17.74 -12.74 20.35
C GLY D 89 -18.10 -11.66 21.34
N GLU D 90 -17.23 -10.67 21.55
CA GLU D 90 -17.51 -9.61 22.50
C GLU D 90 -18.57 -8.66 21.95
N LYS D 91 -19.53 -8.31 22.82
CA LYS D 91 -20.60 -7.36 22.47
C LYS D 91 -20.69 -6.34 23.59
N PRO D 92 -19.84 -5.31 23.56
CA PRO D 92 -19.81 -4.35 24.67
C PRO D 92 -20.96 -3.35 24.66
N PHE D 93 -21.65 -3.18 23.54
CA PHE D 93 -22.73 -2.20 23.43
C PHE D 93 -24.06 -2.89 23.70
N SER D 94 -24.81 -2.37 24.68
CA SER D 94 -26.07 -2.97 25.09
C SER D 94 -27.21 -1.96 24.94
N CYS D 95 -28.36 -2.45 24.50
CA CYS D 95 -29.55 -1.60 24.37
C CYS D 95 -30.17 -1.37 25.74
N ARG D 96 -30.64 -0.13 25.96
CA ARG D 96 -31.22 0.26 27.23
C ARG D 96 -32.73 0.50 27.15
N TRP D 97 -33.36 0.16 26.03
CA TRP D 97 -34.80 0.25 25.95
C TRP D 97 -35.45 -0.72 26.94
N PRO D 98 -36.63 -0.38 27.48
CA PRO D 98 -37.23 -1.24 28.49
C PRO D 98 -37.54 -2.63 27.96
N SER D 99 -37.21 -3.65 28.77
CA SER D 99 -37.47 -5.05 28.46
C SER D 99 -36.72 -5.52 27.21
N CYS D 100 -35.56 -4.93 26.95
CA CYS D 100 -34.71 -5.32 25.83
C CYS D 100 -33.32 -5.67 26.35
N GLN D 101 -32.79 -6.82 25.94
CA GLN D 101 -31.49 -7.30 26.36
C GLN D 101 -30.56 -7.55 25.17
N LYS D 102 -30.75 -6.81 24.09
CA LYS D 102 -29.93 -6.99 22.90
C LYS D 102 -28.56 -6.33 23.09
N LYS D 103 -27.52 -7.01 22.63
CA LYS D 103 -26.15 -6.52 22.70
C LYS D 103 -25.53 -6.58 21.31
N PHE D 104 -24.56 -5.70 21.07
CA PHE D 104 -23.95 -5.56 19.75
C PHE D 104 -22.45 -5.36 19.89
N ALA D 105 -21.73 -5.74 18.84
CA ALA D 105 -20.28 -5.66 18.83
C ALA D 105 -19.76 -4.28 18.39
N ARG D 106 -20.47 -3.61 17.49
CA ARG D 106 -20.08 -2.29 17.02
C ARG D 106 -21.06 -1.25 17.51
N SER D 107 -20.57 -0.01 17.66
CA SER D 107 -21.41 1.06 18.17
C SER D 107 -22.51 1.46 17.18
N ASP D 108 -22.21 1.39 15.88
CA ASP D 108 -23.19 1.76 14.86
C ASP D 108 -24.33 0.75 14.78
N GLU D 109 -24.10 -0.49 15.20
CA GLU D 109 -25.20 -1.45 15.26
C GLU D 109 -26.21 -1.06 16.33
N LEU D 110 -25.72 -0.59 17.49
CA LEU D 110 -26.62 -0.15 18.55
C LEU D 110 -27.40 1.09 18.15
N VAL D 111 -26.75 2.03 17.45
CA VAL D 111 -27.44 3.23 17.00
C VAL D 111 -28.55 2.87 16.02
N ARG D 112 -28.26 1.96 15.09
CA ARG D 112 -29.29 1.51 14.17
C ARG D 112 -30.42 0.78 14.91
N HIS D 113 -30.07 -0.08 15.86
CA HIS D 113 -31.09 -0.76 16.65
C HIS D 113 -31.93 0.22 17.44
N HIS D 114 -31.30 1.29 17.94
CA HIS D 114 -32.05 2.33 18.63
C HIS D 114 -33.04 3.00 17.69
N ASN D 115 -32.66 3.19 16.43
CA ASN D 115 -33.58 3.79 15.46
C ASN D 115 -34.69 2.82 15.08
N MET D 116 -34.44 1.52 15.17
CA MET D 116 -35.50 0.55 14.86
C MET D 116 -36.57 0.52 15.95
N HIS D 117 -36.20 0.82 17.20
CA HIS D 117 -37.19 0.88 18.27
C HIS D 117 -38.22 1.98 18.03
N GLN D 118 -37.85 3.02 17.32
CA GLN D 118 -38.73 4.15 17.06
C GLN D 118 -39.67 3.85 15.90
#